data_3DCF
#
_entry.id   3DCF
#
_cell.length_a   47.870
_cell.length_b   67.620
_cell.length_c   72.980
_cell.angle_alpha   90.000
_cell.angle_beta   104.230
_cell.angle_gamma   90.000
#
_symmetry.space_group_name_H-M   'P 1 21 1'
#
loop_
_entity.id
_entity.type
_entity.pdbx_description
1 polymer 'transcriptional regulator of the TetR/AcrR family'
2 water water
#
_entity_poly.entity_id   1
_entity_poly.type   'polypeptide(L)'
_entity_poly.pdbx_seq_one_letter_code
;G(MSE)GQRSDSDHV(MSE)AEATTDKRQGHTRGRTGNDRRTQIIKVATELFREKGYYATSLDDIADRIGFTKPAIYYYF
KSKEDVLFAIVNSIVDEALERFHAIAAGPGSPGERIHALLVEHTRTILRNLDANTLFYNERGLLSPERERE(MSE)RKRE
REYTEI(MSE)QRLYAEGVATGELLDVDPTVATATLLGAAIWTYRWYDPEGRLSADEVVEQITRLLLNGYRRPA
;
_entity_poly.pdbx_strand_id   A,B
#
# COMPACT_ATOMS: atom_id res chain seq x y z
N ASN A 30 32.47 -6.08 11.01
CA ASN A 30 31.84 -6.84 9.88
C ASN A 30 32.35 -8.25 9.64
N ASP A 31 33.48 -8.64 10.26
CA ASP A 31 34.01 -10.04 10.15
C ASP A 31 33.04 -11.10 10.75
N ARG A 32 32.90 -11.12 12.08
CA ARG A 32 32.01 -12.05 12.81
C ARG A 32 30.55 -11.55 12.76
N ARG A 33 30.36 -10.22 12.67
CA ARG A 33 29.04 -9.58 12.59
C ARG A 33 28.23 -10.11 11.40
N THR A 34 28.84 -10.11 10.21
CA THR A 34 28.25 -10.69 8.98
C THR A 34 27.94 -12.19 9.15
N GLN A 35 28.85 -12.89 9.83
CA GLN A 35 28.67 -14.31 10.16
C GLN A 35 27.45 -14.45 11.10
N ILE A 36 27.32 -13.52 12.06
CA ILE A 36 26.18 -13.49 13.00
C ILE A 36 24.86 -13.17 12.28
N ILE A 37 24.87 -12.21 11.35
CA ILE A 37 23.64 -11.88 10.57
C ILE A 37 23.20 -13.06 9.69
N LYS A 38 24.16 -13.70 9.02
CA LYS A 38 23.89 -14.87 8.15
C LYS A 38 23.36 -16.07 8.93
N VAL A 39 24.03 -16.38 10.05
CA VAL A 39 23.61 -17.47 10.94
C VAL A 39 22.20 -17.21 11.53
N ALA A 40 21.93 -15.95 11.94
CA ALA A 40 20.63 -15.54 12.47
C ALA A 40 19.52 -15.65 11.40
N THR A 41 19.83 -15.25 10.16
CA THR A 41 18.91 -15.34 9.00
C THR A 41 18.52 -16.80 8.70
N GLU A 42 19.52 -17.68 8.62
CA GLU A 42 19.31 -19.13 8.42
C GLU A 42 18.49 -19.74 9.55
N LEU A 43 18.78 -19.32 10.78
CA LEU A 43 18.11 -19.83 11.99
C LEU A 43 16.67 -19.31 12.10
N PHE A 44 16.40 -18.05 11.73
CA PHE A 44 15.00 -17.53 11.71
C PHE A 44 14.15 -18.19 10.60
N ARG A 45 14.79 -18.60 9.50
CA ARG A 45 14.10 -19.30 8.42
C ARG A 45 13.68 -20.71 8.87
N GLU A 46 14.67 -21.54 9.20
CA GLU A 46 14.44 -22.95 9.59
C GLU A 46 13.60 -23.15 10.85
N LYS A 47 13.85 -22.34 11.88
CA LYS A 47 13.19 -22.48 13.18
C LYS A 47 11.99 -21.54 13.40
N GLY A 48 12.09 -20.31 12.90
CA GLY A 48 11.06 -19.27 13.13
C GLY A 48 11.59 -18.22 14.11
N TYR A 49 11.19 -16.96 13.91
CA TYR A 49 11.67 -15.84 14.74
C TYR A 49 11.36 -15.96 16.24
N TYR A 50 10.10 -16.28 16.56
CA TYR A 50 9.65 -16.35 17.97
C TYR A 50 10.18 -17.57 18.76
N ALA A 51 10.58 -18.62 18.05
CA ALA A 51 11.19 -19.82 18.67
C ALA A 51 12.73 -19.71 18.84
N THR A 52 13.34 -18.72 18.19
CA THR A 52 14.80 -18.49 18.22
C THR A 52 15.20 -17.36 19.17
N SER A 53 16.17 -17.60 20.05
CA SER A 53 16.69 -16.59 21.00
C SER A 53 18.15 -16.22 20.68
N LEU A 54 18.71 -15.25 21.43
CA LEU A 54 20.15 -14.89 21.30
C LEU A 54 21.09 -16.03 21.74
N ASP A 55 20.62 -16.86 22.67
CA ASP A 55 21.35 -18.06 23.14
C ASP A 55 21.52 -19.10 22.03
N ASP A 56 20.48 -19.28 21.21
CA ASP A 56 20.50 -20.19 20.05
C ASP A 56 21.50 -19.74 18.96
N ILE A 57 21.50 -18.43 18.66
CA ILE A 57 22.42 -17.82 17.66
C ILE A 57 23.87 -17.99 18.11
N ALA A 58 24.14 -17.64 19.38
CA ALA A 58 25.45 -17.81 20.04
C ALA A 58 25.93 -19.26 20.02
N ASP A 59 25.01 -20.20 20.21
CA ASP A 59 25.31 -21.65 20.17
C ASP A 59 25.81 -22.11 18.78
N ARG A 60 25.05 -21.78 17.73
CA ARG A 60 25.38 -22.18 16.34
C ARG A 60 26.75 -21.72 15.81
N ILE A 61 27.09 -20.45 16.03
CA ILE A 61 28.42 -19.92 15.64
C ILE A 61 29.56 -20.34 16.61
N GLY A 62 29.19 -20.82 17.80
CA GLY A 62 30.15 -21.26 18.80
C GLY A 62 30.70 -20.13 19.66
N PHE A 63 29.83 -19.21 20.06
CA PHE A 63 30.16 -18.04 20.91
C PHE A 63 29.47 -18.14 22.26
N THR A 64 30.00 -17.41 23.23
CA THR A 64 29.39 -17.32 24.56
C THR A 64 28.23 -16.29 24.50
N LYS A 65 27.41 -16.24 25.55
CA LYS A 65 26.30 -15.28 25.67
C LYS A 65 26.89 -13.85 25.80
N PRO A 66 27.88 -13.63 26.72
CA PRO A 66 28.63 -12.34 26.77
C PRO A 66 29.28 -11.89 25.44
N ALA A 67 29.80 -12.83 24.66
CA ALA A 67 30.43 -12.50 23.38
C ALA A 67 29.44 -11.92 22.32
N ILE A 68 28.20 -12.43 22.28
CA ILE A 68 27.15 -11.91 21.35
C ILE A 68 26.63 -10.51 21.75
N TYR A 69 26.57 -10.20 23.05
CA TYR A 69 26.15 -8.86 23.55
C TYR A 69 26.96 -7.70 22.97
N TYR A 70 28.27 -7.89 22.80
CA TYR A 70 29.17 -6.91 22.18
C TYR A 70 28.63 -6.43 20.83
N TYR A 71 28.19 -7.39 20.01
CA TYR A 71 27.61 -7.11 18.67
C TYR A 71 26.09 -6.83 18.73
N PHE A 72 25.33 -7.68 19.43
CA PHE A 72 23.85 -7.53 19.52
C PHE A 72 23.30 -7.80 20.92
N LYS A 73 22.52 -6.86 21.47
CA LYS A 73 21.92 -6.96 22.83
C LYS A 73 20.49 -7.52 22.90
N SER A 74 19.87 -7.72 21.74
CA SER A 74 18.57 -8.37 21.64
C SER A 74 18.39 -8.99 20.24
N LYS A 75 17.43 -9.92 20.14
CA LYS A 75 17.04 -10.53 18.86
C LYS A 75 16.41 -9.50 17.87
N GLU A 76 15.80 -8.45 18.43
CA GLU A 76 15.21 -7.35 17.66
C GLU A 76 16.32 -6.55 16.97
N ASP A 77 17.42 -6.29 17.70
CA ASP A 77 18.60 -5.62 17.13
C ASP A 77 19.24 -6.46 16.02
N VAL A 78 19.15 -7.80 16.12
CA VAL A 78 19.63 -8.70 15.05
C VAL A 78 18.69 -8.60 13.84
N LEU A 79 17.38 -8.54 14.10
CA LEU A 79 16.40 -8.40 13.02
C LEU A 79 16.54 -7.06 12.25
N PHE A 80 16.85 -5.97 12.95
CA PHE A 80 17.12 -4.67 12.31
C PHE A 80 18.32 -4.79 11.36
N ALA A 81 19.42 -5.34 11.87
CA ALA A 81 20.65 -5.58 11.10
C ALA A 81 20.39 -6.37 9.80
N ILE A 82 19.54 -7.41 9.87
CA ILE A 82 19.16 -8.22 8.69
C ILE A 82 18.39 -7.38 7.66
N VAL A 83 17.42 -6.59 8.15
CA VAL A 83 16.62 -5.70 7.30
C VAL A 83 17.44 -4.54 6.71
N ASN A 84 18.32 -3.93 7.52
CA ASN A 84 19.17 -2.82 7.03
C ASN A 84 20.15 -3.30 5.95
N SER A 85 20.62 -4.54 6.07
CA SER A 85 21.48 -5.19 5.08
C SER A 85 20.75 -5.40 3.75
N ILE A 86 19.56 -6.00 3.81
CA ILE A 86 18.68 -6.23 2.62
C ILE A 86 18.29 -4.91 1.93
N VAL A 87 18.01 -3.86 2.71
CA VAL A 87 17.75 -2.52 2.19
C VAL A 87 19.01 -1.93 1.56
N ASP A 88 20.17 -2.14 2.21
CA ASP A 88 21.47 -1.62 1.71
C ASP A 88 21.86 -2.26 0.34
N GLU A 89 21.71 -3.58 0.19
CA GLU A 89 22.01 -4.25 -1.09
C GLU A 89 21.04 -3.91 -2.23
N ALA A 90 19.74 -3.89 -1.90
CA ALA A 90 18.66 -3.53 -2.85
C ALA A 90 18.86 -2.11 -3.42
N LEU A 91 19.26 -1.19 -2.55
CA LEU A 91 19.52 0.19 -2.94
C LEU A 91 20.78 0.32 -3.82
N GLU A 92 21.80 -0.53 -3.62
CA GLU A 92 23.01 -0.57 -4.49
C GLU A 92 22.68 -1.06 -5.91
N ARG A 93 21.82 -2.09 -6.00
CA ARG A 93 21.30 -2.58 -7.28
C ARG A 93 20.42 -1.55 -7.98
N PHE A 94 19.77 -0.68 -7.19
CA PHE A 94 18.93 0.40 -7.71
C PHE A 94 19.81 1.53 -8.33
N HIS A 95 20.82 1.98 -7.58
CA HIS A 95 21.79 3.02 -8.05
C HIS A 95 22.53 2.63 -9.34
N ALA A 96 23.01 1.38 -9.38
CA ALA A 96 23.74 0.82 -10.52
C ALA A 96 22.95 0.92 -11.84
N ILE A 97 21.66 0.56 -11.78
CA ILE A 97 20.73 0.63 -12.94
C ILE A 97 20.46 2.09 -13.32
N ALA A 98 20.15 2.94 -12.33
CA ALA A 98 19.91 4.38 -12.57
C ALA A 98 21.17 5.15 -13.05
N ALA A 99 22.37 4.74 -12.61
CA ALA A 99 23.66 5.35 -13.05
C ALA A 99 24.35 4.64 -14.25
N GLY A 100 23.68 3.65 -14.85
CA GLY A 100 24.19 2.88 -16.00
C GLY A 100 23.65 3.32 -17.36
N PRO A 101 23.75 2.42 -18.39
CA PRO A 101 23.29 2.79 -19.72
C PRO A 101 21.76 2.76 -19.92
N GLY A 102 21.36 3.30 -21.07
CA GLY A 102 19.96 3.36 -21.52
C GLY A 102 19.38 4.76 -21.38
N SER A 103 18.24 4.99 -22.03
CA SER A 103 17.52 6.26 -21.90
C SER A 103 16.82 6.25 -20.53
N PRO A 104 16.38 7.42 -20.03
CA PRO A 104 15.62 7.46 -18.76
C PRO A 104 14.37 6.54 -18.70
N GLY A 105 13.62 6.44 -19.80
CA GLY A 105 12.44 5.55 -19.92
C GLY A 105 12.78 4.06 -19.89
N GLU A 106 13.96 3.70 -20.42
CA GLU A 106 14.48 2.31 -20.37
C GLU A 106 14.96 1.96 -18.95
N ARG A 107 15.68 2.90 -18.33
CA ARG A 107 16.13 2.80 -16.93
C ARG A 107 14.95 2.74 -15.94
N ILE A 108 13.93 3.58 -16.17
CA ILE A 108 12.68 3.55 -15.37
C ILE A 108 12.10 2.13 -15.40
N HIS A 109 11.98 1.57 -16.60
CA HIS A 109 11.45 0.21 -16.76
C HIS A 109 12.28 -0.83 -16.02
N ALA A 110 13.61 -0.80 -16.22
CA ALA A 110 14.54 -1.72 -15.55
C ALA A 110 14.46 -1.61 -14.03
N LEU A 111 14.32 -0.39 -13.50
CA LEU A 111 14.17 -0.15 -12.05
C LEU A 111 12.91 -0.79 -11.46
N LEU A 112 11.78 -0.70 -12.20
CA LEU A 112 10.50 -1.30 -11.76
C LEU A 112 10.50 -2.84 -11.73
N VAL A 113 11.12 -3.47 -12.72
CA VAL A 113 11.27 -4.95 -12.79
C VAL A 113 12.13 -5.42 -11.61
N GLU A 114 13.22 -4.70 -11.37
CA GLU A 114 14.13 -4.97 -10.24
C GLU A 114 13.45 -4.78 -8.89
N HIS A 115 12.74 -3.66 -8.73
CA HIS A 115 12.04 -3.32 -7.49
C HIS A 115 10.96 -4.34 -7.11
N THR A 116 10.14 -4.72 -8.09
CA THR A 116 9.07 -5.72 -7.91
C THR A 116 9.63 -7.11 -7.60
N ARG A 117 10.68 -7.51 -8.33
CA ARG A 117 11.41 -8.78 -8.07
C ARG A 117 11.90 -8.83 -6.61
N THR A 118 12.48 -7.72 -6.16
CA THR A 118 12.98 -7.60 -4.77
C THR A 118 11.84 -7.70 -3.76
N ILE A 119 10.66 -7.12 -4.08
CA ILE A 119 9.48 -7.18 -3.19
C ILE A 119 9.00 -8.65 -3.02
N LEU A 120 8.77 -9.34 -4.15
CA LEU A 120 8.27 -10.73 -4.17
C LEU A 120 9.23 -11.75 -3.50
N ARG A 121 10.53 -11.44 -3.50
CA ARG A 121 11.57 -12.24 -2.83
C ARG A 121 11.72 -11.94 -1.33
N ASN A 122 11.35 -10.73 -0.90
CA ASN A 122 11.49 -10.31 0.51
C ASN A 122 10.13 -9.85 1.03
N LEU A 123 9.14 -10.72 0.92
CA LEU A 123 7.75 -10.41 1.31
C LEU A 123 7.59 -10.09 2.82
N ASP A 124 8.18 -10.92 3.70
CA ASP A 124 8.11 -10.68 5.16
C ASP A 124 8.85 -9.39 5.58
N ALA A 125 9.96 -9.10 4.90
CA ALA A 125 10.73 -7.86 5.14
C ALA A 125 9.90 -6.62 4.80
N ASN A 126 9.12 -6.67 3.70
CA ASN A 126 8.24 -5.56 3.28
C ASN A 126 7.07 -5.33 4.24
N THR A 127 6.41 -6.41 4.70
CA THR A 127 5.33 -6.33 5.71
C THR A 127 5.90 -5.73 7.00
N LEU A 128 7.13 -6.16 7.35
CA LEU A 128 7.88 -5.66 8.50
C LEU A 128 8.30 -4.18 8.32
N PHE A 129 8.63 -3.78 7.08
CA PHE A 129 9.05 -2.39 6.77
C PHE A 129 7.92 -1.36 6.93
N TYR A 130 6.70 -1.68 6.50
CA TYR A 130 5.54 -0.74 6.48
C TYR A 130 4.46 -0.82 7.58
N ASN A 131 4.43 -1.91 8.37
CA ASN A 131 3.44 -2.07 9.47
C ASN A 131 4.02 -1.68 10.84
N LEU A 136 9.62 1.60 16.19
CA LEU A 136 10.05 1.46 17.59
C LEU A 136 11.15 2.51 17.99
N SER A 137 12.42 2.24 17.62
CA SER A 137 13.56 3.13 17.96
C SER A 137 13.61 4.33 16.99
N PRO A 138 13.47 5.58 17.49
CA PRO A 138 13.47 6.79 16.63
C PRO A 138 14.58 6.88 15.58
N GLU A 139 15.82 6.73 16.02
CA GLU A 139 16.99 6.81 15.11
C GLU A 139 17.01 5.71 14.04
N ARG A 140 16.52 4.52 14.39
CA ARG A 140 16.42 3.42 13.44
C ARG A 140 15.30 3.72 12.43
N GLU A 141 14.19 4.29 12.89
CA GLU A 141 13.10 4.71 11.99
C GLU A 141 13.61 5.80 11.04
N ARG A 142 14.34 6.79 11.58
CA ARG A 142 14.94 7.88 10.78
C ARG A 142 15.79 7.36 9.64
N GLU A 143 16.55 6.30 9.92
CA GLU A 143 17.40 5.64 8.92
C GLU A 143 16.54 5.04 7.80
N MSE A 144 15.43 4.38 8.16
CA MSE A 144 14.49 3.81 7.18
C MSE A 144 13.87 4.90 6.31
O MSE A 144 13.76 4.70 5.09
CB MSE A 144 13.37 2.99 7.83
CG MSE A 144 13.80 1.77 8.63
SE MSE A 144 14.90 0.48 7.66
CE MSE A 144 16.72 1.37 7.76
N ARG A 145 13.48 6.03 6.91
CA ARG A 145 12.94 7.18 6.14
C ARG A 145 13.97 7.73 5.14
N LYS A 146 15.24 7.79 5.53
CA LYS A 146 16.31 8.24 4.66
C LYS A 146 16.50 7.33 3.44
N ARG A 147 16.40 6.01 3.63
CA ARG A 147 16.55 5.04 2.51
C ARG A 147 15.36 5.13 1.54
N GLU A 148 14.13 5.26 2.08
CA GLU A 148 12.92 5.48 1.25
C GLU A 148 13.09 6.75 0.38
N ARG A 149 13.61 7.83 0.97
CA ARG A 149 13.87 9.09 0.26
C ARG A 149 14.84 8.94 -0.92
N GLU A 150 15.91 8.14 -0.75
CA GLU A 150 16.90 7.90 -1.82
C GLU A 150 16.26 7.22 -3.04
N TYR A 151 15.51 6.13 -2.81
CA TYR A 151 14.75 5.42 -3.88
C TYR A 151 13.89 6.38 -4.73
N THR A 152 13.11 7.18 -4.02
CA THR A 152 12.17 8.14 -4.63
C THR A 152 12.90 9.21 -5.44
N GLU A 153 13.94 9.79 -4.86
CA GLU A 153 14.72 10.86 -5.51
C GLU A 153 15.47 10.43 -6.78
N ILE A 154 16.02 9.19 -6.78
CA ILE A 154 16.68 8.61 -7.96
C ILE A 154 15.68 8.51 -9.13
N MSE A 155 14.49 7.98 -8.84
CA MSE A 155 13.43 7.86 -9.83
C MSE A 155 12.79 9.22 -10.20
O MSE A 155 12.38 9.39 -11.36
CB MSE A 155 12.40 6.84 -9.39
CG MSE A 155 11.28 6.66 -10.40
SE MSE A 155 10.44 4.94 -10.34
CE MSE A 155 12.00 3.83 -10.87
N GLN A 156 12.67 10.15 -9.24
CA GLN A 156 12.09 11.50 -9.51
C GLN A 156 12.87 12.24 -10.58
N ARG A 157 14.19 12.33 -10.39
CA ARG A 157 15.10 13.01 -11.36
C ARG A 157 15.05 12.34 -12.73
N LEU A 158 14.99 11.01 -12.72
CA LEU A 158 14.95 10.19 -13.94
C LEU A 158 13.62 10.35 -14.72
N TYR A 159 12.49 10.53 -14.01
CA TYR A 159 11.18 10.75 -14.65
C TYR A 159 11.11 12.16 -15.29
N ALA A 160 11.72 13.16 -14.64
CA ALA A 160 11.81 14.54 -15.18
C ALA A 160 12.61 14.65 -16.49
N GLU A 161 13.72 13.91 -16.59
CA GLU A 161 14.54 13.87 -17.81
C GLU A 161 13.80 13.26 -19.00
N GLY A 162 13.13 12.12 -18.76
CA GLY A 162 12.31 11.42 -19.77
C GLY A 162 11.09 12.18 -20.26
N VAL A 163 10.51 13.03 -19.40
CA VAL A 163 9.40 13.93 -19.76
C VAL A 163 9.93 15.09 -20.61
N ALA A 164 11.08 15.68 -20.21
CA ALA A 164 11.72 16.82 -20.89
C ALA A 164 12.09 16.57 -22.35
N THR A 165 12.43 15.32 -22.67
CA THR A 165 12.79 14.85 -24.02
C THR A 165 11.62 14.21 -24.84
N GLY A 166 10.39 14.25 -24.32
CA GLY A 166 9.23 13.65 -24.98
C GLY A 166 9.05 12.14 -24.90
N GLU A 167 9.87 11.43 -24.11
CA GLU A 167 9.75 9.96 -23.98
C GLU A 167 8.65 9.48 -23.01
N LEU A 168 8.41 10.26 -21.94
CA LEU A 168 7.46 9.91 -20.86
C LEU A 168 6.24 10.81 -20.74
N LEU A 169 5.13 10.24 -20.24
CA LEU A 169 3.84 10.95 -20.04
C LEU A 169 4.06 12.18 -19.16
N ASP A 170 3.55 13.32 -19.62
CA ASP A 170 3.74 14.60 -18.93
C ASP A 170 2.79 14.71 -17.70
N VAL A 171 3.26 14.13 -16.59
CA VAL A 171 2.63 14.23 -15.25
C VAL A 171 3.74 14.60 -14.27
N ASP A 172 3.38 15.16 -13.11
CA ASP A 172 4.34 15.54 -12.08
C ASP A 172 5.22 14.33 -11.70
N PRO A 173 6.57 14.47 -11.71
CA PRO A 173 7.50 13.38 -11.32
C PRO A 173 7.23 12.70 -9.97
N THR A 174 6.86 13.49 -8.96
CA THR A 174 6.57 12.96 -7.63
C THR A 174 5.34 12.04 -7.63
N VAL A 175 4.29 12.43 -8.36
CA VAL A 175 3.06 11.61 -8.49
C VAL A 175 3.28 10.31 -9.26
N ALA A 176 4.03 10.39 -10.37
CA ALA A 176 4.35 9.20 -11.17
C ALA A 176 5.17 8.21 -10.35
N THR A 177 6.25 8.70 -9.74
CA THR A 177 7.19 7.90 -8.92
C THR A 177 6.51 7.15 -7.75
N ALA A 178 5.70 7.85 -6.96
CA ALA A 178 4.94 7.24 -5.84
C ALA A 178 3.86 6.26 -6.31
N THR A 179 3.25 6.54 -7.46
CA THR A 179 2.22 5.68 -8.05
C THR A 179 2.80 4.39 -8.65
N LEU A 180 3.90 4.52 -9.39
CA LEU A 180 4.56 3.37 -10.03
C LEU A 180 5.19 2.45 -8.99
N LEU A 181 5.95 3.04 -8.06
CA LEU A 181 6.56 2.29 -6.93
C LEU A 181 5.45 1.72 -6.04
N GLY A 182 4.43 2.53 -5.75
CA GLY A 182 3.26 2.12 -4.96
C GLY A 182 2.56 0.88 -5.53
N ALA A 183 2.40 0.85 -6.85
CA ALA A 183 1.80 -0.30 -7.58
C ALA A 183 2.65 -1.57 -7.41
N ALA A 184 3.97 -1.41 -7.43
CA ALA A 184 4.92 -2.52 -7.23
C ALA A 184 4.90 -3.03 -5.78
N ILE A 185 4.92 -2.10 -4.82
CA ILE A 185 4.92 -2.41 -3.37
C ILE A 185 3.65 -3.15 -2.89
N TRP A 186 2.48 -2.71 -3.35
CA TRP A 186 1.16 -3.29 -2.94
C TRP A 186 1.03 -4.81 -3.09
N THR A 187 1.85 -5.39 -3.97
CA THR A 187 1.97 -6.85 -4.12
C THR A 187 2.17 -7.59 -2.78
N TYR A 188 2.82 -6.97 -1.79
CA TYR A 188 3.04 -7.63 -0.48
C TYR A 188 1.72 -7.95 0.26
N ARG A 189 0.67 -7.15 0.02
CA ARG A 189 -0.65 -7.40 0.61
C ARG A 189 -1.51 -8.43 -0.12
N TRP A 190 -1.32 -8.62 -1.45
CA TRP A 190 -2.13 -9.57 -2.25
C TRP A 190 -1.43 -10.81 -2.85
N TYR A 191 -0.12 -10.74 -3.17
CA TYR A 191 0.60 -11.88 -3.78
C TYR A 191 0.68 -13.13 -2.86
N ASP A 192 0.23 -14.26 -3.42
CA ASP A 192 0.20 -15.57 -2.74
C ASP A 192 1.28 -16.43 -3.44
N PRO A 193 2.40 -16.77 -2.74
CA PRO A 193 3.46 -17.62 -3.37
C PRO A 193 2.97 -19.02 -3.78
N GLU A 194 2.00 -19.56 -3.04
CA GLU A 194 1.39 -20.86 -3.34
C GLU A 194 0.25 -20.79 -4.37
N GLY A 195 0.02 -19.62 -4.99
CA GLY A 195 -1.00 -19.47 -6.03
C GLY A 195 -0.55 -19.90 -7.44
N ARG A 196 -1.53 -19.94 -8.34
CA ARG A 196 -1.35 -20.30 -9.78
C ARG A 196 -0.23 -19.56 -10.55
N LEU A 197 -0.20 -18.23 -10.45
CA LEU A 197 0.84 -17.42 -11.14
C LEU A 197 2.16 -17.39 -10.35
N SER A 198 3.29 -17.52 -11.04
CA SER A 198 4.62 -17.45 -10.43
C SER A 198 5.07 -15.99 -10.25
N ALA A 199 6.20 -15.82 -9.56
CA ALA A 199 6.81 -14.50 -9.31
C ALA A 199 7.21 -13.78 -10.61
N ASP A 200 7.72 -14.55 -11.60
CA ASP A 200 8.13 -14.03 -12.92
C ASP A 200 6.98 -13.51 -13.77
N GLU A 201 5.84 -14.20 -13.73
CA GLU A 201 4.62 -13.80 -14.48
C GLU A 201 4.02 -12.51 -13.90
N VAL A 202 3.99 -12.42 -12.56
CA VAL A 202 3.44 -11.24 -11.87
C VAL A 202 4.32 -9.99 -12.13
N VAL A 203 5.65 -10.14 -12.11
CA VAL A 203 6.58 -9.03 -12.41
C VAL A 203 6.42 -8.52 -13.86
N GLU A 204 6.36 -9.47 -14.80
CA GLU A 204 6.22 -9.17 -16.24
C GLU A 204 4.91 -8.42 -16.54
N GLN A 205 3.80 -8.94 -16.02
CA GLN A 205 2.47 -8.35 -16.24
C GLN A 205 2.28 -6.96 -15.59
N ILE A 206 2.73 -6.81 -14.34
CA ILE A 206 2.70 -5.52 -13.62
C ILE A 206 3.50 -4.47 -14.39
N THR A 207 4.74 -4.80 -14.76
CA THR A 207 5.62 -3.87 -15.52
C THR A 207 5.08 -3.57 -16.96
N ARG A 208 4.40 -4.54 -17.56
CA ARG A 208 3.76 -4.34 -18.88
C ARG A 208 2.49 -3.48 -18.74
N LEU A 209 1.76 -3.62 -17.63
CA LEU A 209 0.56 -2.83 -17.35
C LEU A 209 0.91 -1.35 -17.15
N LEU A 210 1.88 -1.08 -16.27
CA LEU A 210 2.32 0.30 -15.97
C LEU A 210 2.94 1.06 -17.17
N LEU A 211 3.66 0.33 -18.03
CA LEU A 211 4.34 0.87 -19.24
C LEU A 211 3.41 1.33 -20.36
N ASN A 212 2.48 0.44 -20.74
CA ASN A 212 1.52 0.67 -21.83
C ASN A 212 0.17 1.23 -21.40
N GLY A 213 -0.15 1.12 -20.11
CA GLY A 213 -1.46 1.47 -19.59
C GLY A 213 -2.43 0.30 -19.82
N TYR A 214 -3.65 0.40 -19.26
CA TYR A 214 -4.64 -0.68 -19.41
C TYR A 214 -5.48 -0.63 -20.70
N ARG A 215 -5.62 0.54 -21.32
CA ARG A 215 -6.36 0.70 -22.60
C ARG A 215 -5.40 0.45 -23.77
N ARG A 216 -5.75 -0.48 -24.65
CA ARG A 216 -4.92 -0.77 -25.85
C ARG A 216 -4.89 0.42 -26.83
N PRO A 217 -3.74 0.64 -27.53
CA PRO A 217 -3.61 1.79 -28.45
C PRO A 217 -4.70 1.84 -29.55
N ALA A 218 -5.37 2.99 -29.70
CA ALA A 218 -6.47 3.17 -30.68
C ALA A 218 -5.97 3.05 -32.13
N ASN B 30 -32.04 2.46 13.25
CA ASN B 30 -31.29 3.55 12.53
C ASN B 30 -31.72 5.00 12.80
N ASP B 31 -32.84 5.20 13.47
CA ASP B 31 -33.34 6.56 13.81
C ASP B 31 -32.33 7.40 14.65
N ARG B 32 -32.17 7.05 15.93
CA ARG B 32 -31.25 7.72 16.86
C ARG B 32 -29.80 7.27 16.59
N ARG B 33 -29.62 6.01 16.13
CA ARG B 33 -28.30 5.41 15.82
C ARG B 33 -27.53 6.25 14.79
N THR B 34 -28.20 6.61 13.68
CA THR B 34 -27.64 7.51 12.65
C THR B 34 -27.31 8.88 13.24
N GLN B 35 -28.19 9.36 14.12
CA GLN B 35 -27.98 10.63 14.82
C GLN B 35 -26.73 10.51 15.71
N ILE B 36 -26.58 9.37 16.37
CA ILE B 36 -25.41 9.09 17.21
C ILE B 36 -24.11 9.00 16.38
N ILE B 37 -24.16 8.33 15.22
CA ILE B 37 -22.98 8.24 14.34
C ILE B 37 -22.54 9.62 13.81
N LYS B 38 -23.52 10.43 13.38
CA LYS B 38 -23.28 11.80 12.86
C LYS B 38 -22.71 12.74 13.94
N VAL B 39 -23.34 12.73 15.12
CA VAL B 39 -22.89 13.51 16.28
C VAL B 39 -21.47 13.08 16.72
N ALA B 40 -21.21 11.77 16.72
CA ALA B 40 -19.88 11.23 17.06
C ALA B 40 -18.81 11.65 16.05
N THR B 41 -19.16 11.61 14.75
CA THR B 41 -18.28 12.04 13.63
C THR B 41 -17.90 13.51 13.74
N GLU B 42 -18.90 14.36 13.96
CA GLU B 42 -18.68 15.81 14.17
C GLU B 42 -17.81 16.07 15.39
N LEU B 43 -18.08 15.33 16.46
CA LEU B 43 -17.35 15.49 17.73
C LEU B 43 -15.89 14.99 17.64
N PHE B 44 -15.65 13.86 16.95
CA PHE B 44 -14.25 13.38 16.71
C PHE B 44 -13.43 14.33 15.81
N ARG B 45 -14.11 15.03 14.89
CA ARG B 45 -13.46 16.02 14.01
C ARG B 45 -13.02 17.24 14.82
N GLU B 46 -13.99 17.94 15.42
CA GLU B 46 -13.74 19.19 16.19
C GLU B 46 -12.88 19.04 17.41
N LYS B 47 -13.08 17.95 18.17
CA LYS B 47 -12.37 17.70 19.45
C LYS B 47 -11.19 16.75 19.37
N GLY B 48 -11.29 15.71 18.54
CA GLY B 48 -10.26 14.67 18.42
C GLY B 48 -10.76 13.39 19.08
N TYR B 49 -10.37 12.24 18.54
CA TYR B 49 -10.83 10.92 19.02
C TYR B 49 -10.46 10.59 20.47
N TYR B 50 -9.19 10.82 20.83
CA TYR B 50 -8.69 10.49 22.19
C TYR B 50 -9.18 11.42 23.32
N ALA B 51 -9.57 12.64 22.96
CA ALA B 51 -10.15 13.60 23.92
C ALA B 51 -11.69 13.45 24.11
N THR B 52 -12.35 12.70 23.21
CA THR B 52 -13.81 12.47 23.21
C THR B 52 -14.17 11.11 23.83
N SER B 53 -15.13 11.08 24.75
CA SER B 53 -15.63 9.84 25.39
C SER B 53 -17.11 9.59 25.03
N LEU B 54 -17.64 8.45 25.48
CA LEU B 54 -19.08 8.14 25.29
C LEU B 54 -19.98 9.13 26.08
N ASP B 55 -19.49 9.61 27.22
CA ASP B 55 -20.17 10.62 28.05
C ASP B 55 -20.39 11.93 27.28
N ASP B 56 -19.36 12.33 26.51
CA ASP B 56 -19.41 13.53 25.65
C ASP B 56 -20.43 13.39 24.52
N ILE B 57 -20.50 12.20 23.90
CA ILE B 57 -21.45 11.92 22.80
C ILE B 57 -22.88 11.94 23.34
N ALA B 58 -23.09 11.24 24.46
CA ALA B 58 -24.38 11.21 25.17
C ALA B 58 -24.86 12.61 25.56
N ASP B 59 -23.92 13.47 25.99
CA ASP B 59 -24.20 14.86 26.35
C ASP B 59 -24.77 15.71 25.18
N ARG B 60 -24.07 15.70 24.04
CA ARG B 60 -24.44 16.49 22.84
C ARG B 60 -25.84 16.19 22.25
N ILE B 61 -26.17 14.90 22.11
CA ILE B 61 -27.51 14.50 21.63
C ILE B 61 -28.61 14.60 22.70
N GLY B 62 -28.21 14.71 23.98
CA GLY B 62 -29.14 14.83 25.10
C GLY B 62 -29.65 13.50 25.63
N PHE B 63 -28.76 12.52 25.73
CA PHE B 63 -29.08 11.17 26.24
C PHE B 63 -28.34 10.90 27.54
N THR B 64 -28.84 9.92 28.30
CA THR B 64 -28.17 9.48 29.54
C THR B 64 -27.05 8.50 29.14
N LYS B 65 -26.19 8.16 30.10
CA LYS B 65 -25.06 7.22 29.88
C LYS B 65 -25.64 5.82 29.61
N PRO B 66 -26.61 5.34 30.46
CA PRO B 66 -27.34 4.08 30.17
C PRO B 66 -28.04 4.00 28.79
N ALA B 67 -28.59 5.12 28.32
CA ALA B 67 -29.27 5.16 27.02
C ALA B 67 -28.35 4.90 25.81
N ILE B 68 -27.11 5.40 25.86
CA ILE B 68 -26.09 5.19 24.80
C ILE B 68 -25.56 3.73 24.77
N TYR B 69 -25.45 3.07 25.94
CA TYR B 69 -25.01 1.65 26.03
C TYR B 69 -25.84 0.70 25.15
N TYR B 70 -27.16 0.94 25.11
CA TYR B 70 -28.10 0.17 24.25
C TYR B 70 -27.62 0.10 22.80
N TYR B 71 -27.18 1.24 22.27
CA TYR B 71 -26.67 1.35 20.89
C TYR B 71 -25.16 1.07 20.81
N PHE B 72 -24.35 1.67 21.69
CA PHE B 72 -22.87 1.53 21.70
C PHE B 72 -22.27 1.41 23.09
N LYS B 73 -21.48 0.35 23.32
CA LYS B 73 -20.84 0.08 24.64
C LYS B 73 -19.42 0.64 24.83
N SER B 74 -18.80 1.11 23.74
CA SER B 74 -17.50 1.76 23.79
C SER B 74 -17.37 2.75 22.62
N LYS B 75 -16.40 3.67 22.74
CA LYS B 75 -16.07 4.63 21.67
C LYS B 75 -15.49 3.92 20.42
N GLU B 76 -14.85 2.75 20.62
CA GLU B 76 -14.30 1.92 19.54
C GLU B 76 -15.43 1.31 18.69
N ASP B 77 -16.50 0.87 19.35
CA ASP B 77 -17.72 0.38 18.66
C ASP B 77 -18.41 1.53 17.86
N VAL B 78 -18.30 2.77 18.33
CA VAL B 78 -18.81 3.95 17.60
C VAL B 78 -17.94 4.19 16.34
N LEU B 79 -16.61 4.08 16.50
CA LEU B 79 -15.67 4.25 15.40
C LEU B 79 -15.84 3.17 14.29
N PHE B 80 -16.14 1.92 14.68
CA PHE B 80 -16.44 0.85 13.71
C PHE B 80 -17.68 1.20 12.88
N ALA B 81 -18.76 1.60 13.57
CA ALA B 81 -20.00 2.04 12.94
C ALA B 81 -19.78 3.16 11.89
N ILE B 82 -18.95 4.17 12.24
CA ILE B 82 -18.59 5.27 11.32
C ILE B 82 -17.87 4.74 10.07
N VAL B 83 -16.88 3.88 10.28
CA VAL B 83 -16.11 3.28 9.19
C VAL B 83 -16.98 2.35 8.33
N ASN B 84 -17.79 1.50 8.96
CA ASN B 84 -18.66 0.57 8.20
C ASN B 84 -19.70 1.33 7.34
N SER B 85 -20.15 2.49 7.83
CA SER B 85 -21.06 3.38 7.10
C SER B 85 -20.37 3.98 5.85
N ILE B 86 -19.17 4.54 6.04
CA ILE B 86 -18.35 5.11 4.94
C ILE B 86 -18.01 4.01 3.91
N VAL B 87 -17.67 2.80 4.37
CA VAL B 87 -17.43 1.64 3.48
C VAL B 87 -18.72 1.24 2.75
N ASP B 88 -19.86 1.28 3.45
CA ASP B 88 -21.17 0.91 2.86
C ASP B 88 -21.60 1.88 1.74
N GLU B 89 -21.50 3.20 1.97
CA GLU B 89 -21.83 4.20 0.92
C GLU B 89 -20.88 4.17 -0.29
N ALA B 90 -19.57 4.11 -0.03
CA ALA B 90 -18.53 4.04 -1.09
C ALA B 90 -18.77 2.85 -2.02
N LEU B 91 -19.10 1.71 -1.43
CA LEU B 91 -19.41 0.48 -2.17
C LEU B 91 -20.71 0.58 -2.99
N GLU B 92 -21.70 1.37 -2.52
CA GLU B 92 -22.93 1.64 -3.30
C GLU B 92 -22.62 2.50 -4.54
N ARG B 93 -21.79 3.54 -4.35
CA ARG B 93 -21.34 4.39 -5.46
C ARG B 93 -20.51 3.59 -6.48
N PHE B 94 -19.82 2.55 -6.00
CA PHE B 94 -19.00 1.66 -6.84
C PHE B 94 -19.88 0.76 -7.71
N HIS B 95 -20.88 0.10 -7.08
CA HIS B 95 -21.87 -0.77 -7.79
C HIS B 95 -22.67 -0.04 -8.89
N ALA B 96 -23.14 1.18 -8.58
CA ALA B 96 -23.93 2.01 -9.50
C ALA B 96 -23.17 2.29 -10.82
N ILE B 97 -21.88 2.63 -10.71
CA ILE B 97 -20.98 2.90 -11.86
C ILE B 97 -20.72 1.61 -12.66
N ALA B 98 -20.40 0.52 -11.96
CA ALA B 98 -20.20 -0.79 -12.59
C ALA B 98 -21.49 -1.36 -13.24
N ALA B 99 -22.66 -1.10 -12.64
CA ALA B 99 -23.96 -1.55 -13.18
C ALA B 99 -24.65 -0.55 -14.14
N GLY B 100 -24.00 0.60 -14.41
CA GLY B 100 -24.55 1.66 -15.26
C GLY B 100 -24.06 1.63 -16.72
N PRO B 101 -24.18 2.76 -17.43
CA PRO B 101 -23.78 2.81 -18.86
C PRO B 101 -22.27 2.93 -19.13
N GLY B 102 -21.92 2.71 -20.39
CA GLY B 102 -20.55 2.77 -20.91
C GLY B 102 -19.96 1.40 -21.16
N SER B 103 -18.85 1.37 -21.89
CA SER B 103 -18.12 0.14 -22.19
CA SER B 103 -18.11 0.15 -22.20
C SER B 103 -17.35 -0.25 -20.92
N PRO B 104 -16.90 -1.53 -20.79
CA PRO B 104 -16.10 -1.92 -19.58
C PRO B 104 -14.84 -1.06 -19.29
N GLY B 105 -14.13 -0.64 -20.34
CA GLY B 105 -12.97 0.25 -20.24
C GLY B 105 -13.30 1.67 -19.77
N GLU B 106 -14.50 2.16 -20.13
CA GLU B 106 -15.00 3.47 -19.65
C GLU B 106 -15.42 3.37 -18.17
N ARG B 107 -16.11 2.28 -17.83
CA ARG B 107 -16.53 1.99 -16.44
C ARG B 107 -15.31 1.77 -15.53
N ILE B 108 -14.29 1.05 -16.01
CA ILE B 108 -13.02 0.87 -15.28
C ILE B 108 -12.42 2.23 -14.93
N HIS B 109 -12.38 3.13 -15.93
CA HIS B 109 -11.85 4.48 -15.73
C HIS B 109 -12.66 5.26 -14.70
N ALA B 110 -13.99 5.26 -14.84
CA ALA B 110 -14.90 5.95 -13.90
C ALA B 110 -14.75 5.42 -12.45
N LEU B 111 -14.60 4.10 -12.31
CA LEU B 111 -14.39 3.45 -10.99
C LEU B 111 -13.08 3.89 -10.30
N LEU B 112 -12.00 4.03 -11.08
CA LEU B 112 -10.70 4.48 -10.55
C LEU B 112 -10.68 5.94 -10.10
N VAL B 113 -11.35 6.83 -10.84
CA VAL B 113 -11.47 8.27 -10.47
C VAL B 113 -12.25 8.39 -9.14
N GLU B 114 -13.36 7.65 -9.06
CA GLU B 114 -14.24 7.58 -7.89
C GLU B 114 -13.52 7.02 -6.66
N HIS B 115 -12.82 5.90 -6.86
CA HIS B 115 -12.08 5.20 -5.80
C HIS B 115 -10.97 6.09 -5.19
N THR B 116 -10.17 6.72 -6.05
CA THR B 116 -9.10 7.64 -5.63
C THR B 116 -9.65 8.90 -4.93
N ARG B 117 -10.73 9.48 -5.48
CA ARG B 117 -11.46 10.61 -4.85
C ARG B 117 -11.89 10.23 -3.44
N THR B 118 -12.47 9.03 -3.29
CA THR B 118 -12.90 8.53 -1.98
C THR B 118 -11.71 8.34 -1.02
N ILE B 119 -10.55 7.90 -1.52
CA ILE B 119 -9.33 7.72 -0.69
C ILE B 119 -8.84 9.08 -0.14
N LEU B 120 -8.64 10.04 -1.05
CA LEU B 120 -8.15 11.40 -0.68
C LEU B 120 -9.05 12.19 0.28
N ARG B 121 -10.36 11.89 0.25
CA ARG B 121 -11.34 12.53 1.13
CA ARG B 121 -11.38 12.50 1.12
C ARG B 121 -11.50 11.78 2.48
N ASN B 122 -11.12 10.49 2.55
CA ASN B 122 -11.21 9.68 3.80
C ASN B 122 -9.84 9.09 4.13
N LEU B 123 -8.83 9.96 4.23
CA LEU B 123 -7.43 9.55 4.48
C LEU B 123 -7.20 8.81 5.83
N ASP B 124 -7.74 9.35 6.93
CA ASP B 124 -7.63 8.70 8.27
C ASP B 124 -8.36 7.35 8.33
N ALA B 125 -9.50 7.25 7.62
CA ALA B 125 -10.26 6.00 7.54
C ALA B 125 -9.48 4.89 6.83
N ASN B 126 -8.74 5.26 5.76
CA ASN B 126 -7.88 4.32 5.01
C ASN B 126 -6.67 3.86 5.81
N THR B 127 -6.01 4.77 6.53
CA THR B 127 -4.89 4.42 7.44
C THR B 127 -5.41 3.47 8.55
N LEU B 128 -6.62 3.77 9.03
CA LEU B 128 -7.33 2.95 10.03
C LEU B 128 -7.73 1.57 9.45
N PHE B 129 -8.13 1.53 8.18
CA PHE B 129 -8.57 0.29 7.50
C PHE B 129 -7.44 -0.76 7.33
N TYR B 130 -6.24 -0.31 6.92
CA TYR B 130 -5.09 -1.20 6.59
C TYR B 130 -3.97 -1.43 7.64
N ASN B 131 -3.91 -0.60 8.70
CA ASN B 131 -2.89 -0.74 9.77
C ASN B 131 -3.43 -1.48 10.98
N LEU B 136 -8.87 -6.23 15.41
CA LEU B 136 -9.21 -6.49 16.82
C LEU B 136 -10.29 -7.60 16.98
N SER B 137 -11.57 -7.26 16.71
CA SER B 137 -12.71 -8.20 16.83
C SER B 137 -12.80 -9.06 15.56
N PRO B 138 -12.65 -10.41 15.66
CA PRO B 138 -12.68 -11.32 14.50
C PRO B 138 -13.83 -11.11 13.51
N GLU B 139 -15.06 -11.11 14.02
CA GLU B 139 -16.26 -10.93 13.17
C GLU B 139 -16.31 -9.56 12.45
N ARG B 140 -15.81 -8.53 13.11
CA ARG B 140 -15.73 -7.20 12.51
C ARG B 140 -14.66 -7.20 11.41
N GLU B 141 -13.53 -7.88 11.65
CA GLU B 141 -12.47 -8.03 10.63
C GLU B 141 -13.01 -8.81 9.43
N ARG B 142 -13.74 -9.92 9.70
CA ARG B 142 -14.36 -10.74 8.63
C ARG B 142 -15.26 -9.91 7.72
N GLU B 143 -16.02 -8.99 8.30
CA GLU B 143 -16.88 -8.08 7.57
C GLU B 143 -16.05 -7.18 6.65
N MSE B 144 -14.92 -6.65 7.14
CA MSE B 144 -14.01 -5.83 6.32
C MSE B 144 -13.42 -6.61 5.13
O MSE B 144 -13.37 -6.09 4.01
CB MSE B 144 -12.87 -5.21 7.15
CG MSE B 144 -13.30 -4.25 8.26
SE MSE B 144 -14.49 -2.75 7.68
CE MSE B 144 -16.27 -3.66 7.61
N ARG B 145 -13.01 -7.86 5.39
CA ARG B 145 -12.52 -8.73 4.32
C ARG B 145 -13.58 -8.99 3.23
N LYS B 146 -14.84 -9.15 3.63
CA LYS B 146 -15.96 -9.35 2.71
C LYS B 146 -16.20 -8.13 1.80
N ARG B 147 -16.08 -6.91 2.34
CA ARG B 147 -16.27 -5.69 1.55
C ARG B 147 -15.11 -5.51 0.55
N GLU B 148 -13.86 -5.73 0.99
CA GLU B 148 -12.69 -5.71 0.10
C GLU B 148 -12.88 -6.67 -1.10
N ARG B 149 -13.39 -7.88 -0.80
CA ARG B 149 -13.69 -8.88 -1.83
C ARG B 149 -14.71 -8.41 -2.86
N GLU B 150 -15.77 -7.71 -2.43
CA GLU B 150 -16.79 -7.17 -3.34
C GLU B 150 -16.19 -6.17 -4.36
N TYR B 151 -15.41 -5.19 -3.87
CA TYR B 151 -14.69 -4.20 -4.72
C TYR B 151 -13.88 -4.87 -5.84
N THR B 152 -13.05 -5.83 -5.43
CA THR B 152 -12.14 -6.56 -6.31
C THR B 152 -12.90 -7.36 -7.37
N GLU B 153 -13.95 -8.09 -6.95
CA GLU B 153 -14.76 -8.94 -7.84
C GLU B 153 -15.55 -8.16 -8.90
N ILE B 154 -16.10 -7.00 -8.53
CA ILE B 154 -16.80 -6.10 -9.47
C ILE B 154 -15.84 -5.67 -10.60
N MSE B 155 -14.65 -5.23 -10.23
CA MSE B 155 -13.64 -4.84 -11.20
C MSE B 155 -13.00 -6.04 -11.94
O MSE B 155 -12.62 -5.88 -13.11
CB MSE B 155 -12.57 -3.97 -10.51
CG MSE B 155 -11.49 -3.51 -11.45
SE MSE B 155 -10.64 -1.91 -10.88
CE MSE B 155 -12.19 -0.66 -11.09
N GLN B 156 -12.84 -7.20 -11.29
CA GLN B 156 -12.28 -8.40 -11.95
C GLN B 156 -13.11 -8.80 -13.18
N ARG B 157 -14.41 -8.98 -12.96
CA ARG B 157 -15.36 -9.34 -14.04
C ARG B 157 -15.36 -8.31 -15.17
N LEU B 158 -15.29 -7.03 -14.77
CA LEU B 158 -15.29 -5.90 -15.72
C LEU B 158 -13.99 -5.80 -16.55
N TYR B 159 -12.86 -6.20 -15.97
CA TYR B 159 -11.57 -6.22 -16.69
C TYR B 159 -11.53 -7.39 -17.71
N ALA B 160 -12.12 -8.54 -17.35
CA ALA B 160 -12.22 -9.73 -18.25
C ALA B 160 -13.08 -9.48 -19.53
N GLU B 161 -14.19 -8.76 -19.38
CA GLU B 161 -15.07 -8.37 -20.50
C GLU B 161 -14.36 -7.42 -21.50
N GLY B 162 -13.68 -6.40 -20.96
CA GLY B 162 -12.90 -5.44 -21.75
C GLY B 162 -11.72 -6.05 -22.50
N VAL B 163 -11.09 -7.07 -21.93
CA VAL B 163 -9.99 -7.82 -22.58
C VAL B 163 -10.52 -8.73 -23.70
N ALA B 164 -11.67 -9.40 -23.44
CA ALA B 164 -12.34 -10.31 -24.40
C ALA B 164 -12.74 -9.62 -25.71
N THR B 165 -13.14 -8.36 -25.64
CA THR B 165 -13.54 -7.54 -26.80
C THR B 165 -12.41 -6.66 -27.42
N GLY B 166 -11.16 -6.86 -26.99
CA GLY B 166 -10.01 -6.09 -27.48
C GLY B 166 -9.82 -4.66 -26.98
N GLU B 167 -10.60 -4.20 -26.01
CA GLU B 167 -10.48 -2.83 -25.47
C GLU B 167 -9.34 -2.64 -24.43
N LEU B 168 -9.06 -3.70 -23.65
CA LEU B 168 -8.07 -3.65 -22.55
C LEU B 168 -6.85 -4.55 -22.74
N LEU B 169 -5.73 -4.14 -22.10
CA LEU B 169 -4.45 -4.87 -22.15
C LEU B 169 -4.66 -6.30 -21.65
N ASP B 170 -4.19 -7.26 -22.45
CA ASP B 170 -4.37 -8.68 -22.15
C ASP B 170 -3.37 -9.13 -21.06
N VAL B 171 -3.77 -8.91 -19.80
CA VAL B 171 -3.06 -9.38 -18.58
C VAL B 171 -4.13 -10.03 -17.70
N ASP B 172 -3.71 -10.87 -16.75
CA ASP B 172 -4.63 -11.54 -15.84
C ASP B 172 -5.51 -10.49 -15.09
N PRO B 173 -6.86 -10.64 -15.08
CA PRO B 173 -7.77 -9.72 -14.36
C PRO B 173 -7.48 -9.44 -12.89
N THR B 174 -7.06 -10.47 -12.15
CA THR B 174 -6.73 -10.34 -10.74
C THR B 174 -5.49 -9.46 -10.52
N VAL B 175 -4.48 -9.60 -11.40
CA VAL B 175 -3.23 -8.78 -11.33
C VAL B 175 -3.49 -7.30 -11.67
N ALA B 176 -4.25 -7.06 -12.75
CA ALA B 176 -4.61 -5.69 -13.16
C ALA B 176 -5.42 -4.98 -12.07
N THR B 177 -6.48 -5.65 -11.59
CA THR B 177 -7.36 -5.10 -10.53
C THR B 177 -6.63 -4.71 -9.23
N ALA B 178 -5.79 -5.61 -8.69
CA ALA B 178 -4.99 -5.32 -7.47
C ALA B 178 -3.91 -4.24 -7.67
N THR B 179 -3.34 -4.18 -8.87
CA THR B 179 -2.32 -3.19 -9.23
C THR B 179 -2.91 -1.79 -9.46
N LEU B 180 -4.05 -1.72 -10.16
CA LEU B 180 -4.73 -0.44 -10.43
C LEU B 180 -5.32 0.12 -9.14
N LEU B 181 -6.04 -0.71 -8.40
CA LEU B 181 -6.62 -0.30 -7.10
C LEU B 181 -5.49 0.01 -6.09
N GLY B 182 -4.47 -0.85 -6.06
CA GLY B 182 -3.26 -0.66 -5.24
C GLY B 182 -2.57 0.68 -5.47
N ALA B 183 -2.45 1.08 -6.75
CA ALA B 183 -1.88 2.38 -7.15
C ALA B 183 -2.68 3.56 -6.60
N ALA B 184 -4.02 3.42 -6.59
CA ALA B 184 -4.94 4.42 -6.06
C ALA B 184 -4.86 4.51 -4.53
N ILE B 185 -4.89 3.35 -3.86
CA ILE B 185 -4.84 3.22 -2.37
C ILE B 185 -3.55 3.77 -1.74
N TRP B 186 -2.38 3.50 -2.35
CA TRP B 186 -1.03 3.95 -1.85
C TRP B 186 -0.90 5.45 -1.55
N THR B 187 -1.74 6.26 -2.20
CA THR B 187 -1.87 7.71 -1.93
C THR B 187 -2.03 8.04 -0.43
N TYR B 188 -2.65 7.16 0.36
CA TYR B 188 -2.80 7.40 1.82
C TYR B 188 -1.46 7.48 2.56
N ARG B 189 -0.42 6.82 2.04
CA ARG B 189 0.93 6.89 2.64
C ARG B 189 1.77 8.08 2.19
N TRP B 190 1.53 8.64 0.99
CA TRP B 190 2.31 9.79 0.47
C TRP B 190 1.59 11.14 0.25
N TYR B 191 0.27 11.16 -0.01
CA TYR B 191 -0.46 12.43 -0.27
C TYR B 191 -0.50 13.38 0.96
N ASP B 192 -0.07 14.62 0.74
CA ASP B 192 0.00 15.69 1.76
C ASP B 192 -1.10 16.73 1.39
N PRO B 193 -2.20 16.83 2.20
CA PRO B 193 -3.27 17.81 1.89
C PRO B 193 -2.79 19.26 1.84
N GLU B 194 -1.80 19.59 2.67
CA GLU B 194 -1.20 20.92 2.74
C GLU B 194 -0.09 21.16 1.69
N GLY B 195 0.10 20.22 0.75
CA GLY B 195 1.08 20.36 -0.32
C GLY B 195 0.59 21.17 -1.52
N ARG B 196 1.53 21.46 -2.42
CA ARG B 196 1.30 22.22 -3.68
C ARG B 196 0.14 21.72 -4.58
N LEU B 197 0.11 20.41 -4.87
CA LEU B 197 -0.95 19.82 -5.71
C LEU B 197 -2.24 19.55 -4.91
N SER B 198 -3.39 19.86 -5.50
CA SER B 198 -4.70 19.62 -4.89
C SER B 198 -5.15 18.18 -5.14
N ALA B 199 -6.24 17.80 -4.48
CA ALA B 199 -6.84 16.46 -4.60
C ALA B 199 -7.30 16.14 -6.04
N ASP B 200 -7.86 17.15 -6.72
CA ASP B 200 -8.32 17.03 -8.13
C ASP B 200 -7.19 16.78 -9.13
N GLU B 201 -6.06 17.45 -8.94
CA GLU B 201 -4.87 17.29 -9.80
C GLU B 201 -4.23 15.90 -9.65
N VAL B 202 -4.18 15.41 -8.40
CA VAL B 202 -3.61 14.08 -8.09
C VAL B 202 -4.51 12.96 -8.67
N VAL B 203 -5.83 13.10 -8.54
CA VAL B 203 -6.79 12.11 -9.10
C VAL B 203 -6.71 12.04 -10.64
N GLU B 204 -6.64 13.21 -11.28
CA GLU B 204 -6.55 13.33 -12.75
C GLU B 204 -5.25 12.70 -13.30
N GLN B 205 -4.11 13.05 -12.68
CA GLN B 205 -2.81 12.55 -13.12
C GLN B 205 -2.62 11.07 -12.90
N ILE B 206 -3.03 10.58 -11.73
CA ILE B 206 -2.98 9.15 -11.39
C ILE B 206 -3.80 8.34 -12.40
N THR B 207 -5.05 8.74 -12.62
CA THR B 207 -5.94 8.05 -13.57
C THR B 207 -5.45 8.15 -15.04
N ARG B 208 -4.81 9.28 -15.39
CA ARG B 208 -4.22 9.46 -16.74
C ARG B 208 -2.95 8.60 -16.91
N LEU B 209 -2.20 8.42 -15.82
CA LEU B 209 -0.99 7.59 -15.82
C LEU B 209 -1.35 6.11 -16.04
N LEU B 210 -2.27 5.59 -15.24
CA LEU B 210 -2.70 4.18 -15.32
C LEU B 210 -3.36 3.83 -16.67
N LEU B 211 -4.12 4.77 -17.24
CA LEU B 211 -4.84 4.59 -18.52
C LEU B 211 -3.94 4.47 -19.77
N ASN B 212 -3.02 5.42 -19.92
CA ASN B 212 -2.10 5.52 -21.05
C ASN B 212 -0.75 4.85 -20.87
N GLY B 213 -0.38 4.60 -19.61
CA GLY B 213 0.95 4.12 -19.26
C GLY B 213 1.89 5.31 -19.17
N TYR B 214 3.13 5.07 -18.72
CA TYR B 214 4.13 6.16 -18.58
C TYR B 214 4.92 6.47 -19.87
N ARG B 215 5.02 5.50 -20.79
CA ARG B 215 5.69 5.72 -22.08
C ARG B 215 4.70 6.31 -23.08
N ARG B 216 5.04 7.44 -23.71
CA ARG B 216 4.17 8.07 -24.74
C ARG B 216 4.08 7.25 -26.01
#